data_6C16
#
_entry.id   6C16
#
_cell.length_a   38.241
_cell.length_b   119.582
_cell.length_c   63.707
_cell.angle_alpha   90.00
_cell.angle_beta   98.45
_cell.angle_gamma   90.00
#
_symmetry.space_group_name_H-M   'P 1 21 1'
#
loop_
_entity.id
_entity.type
_entity.pdbx_description
1 polymer 'S-phase kinase-associated protein 1'
2 polymer 'Lysine-specific demethylase 2A'
3 polymer Polyubiquitin-B
#
loop_
_entity_poly.entity_id
_entity_poly.type
_entity_poly.pdbx_seq_one_letter_code
_entity_poly.pdbx_strand_id
1 'polypeptide(L)'
;GAMPSIKLQSSDGEIFEVDVEIAKQSVTIKTMLEDLGMDDEGDDDPVPLPNVNAAILKKVIQWCTHHKDDPPPPEDDENK
EKRTDDIPVWDQEFLKVDQGTLFELILAANYLDIKGLLDVTCKTVANMIKGKTPEEIRKTFNIKNDFTEEEEAQVRKENQ
WCEEK
;
A,B
2 'polypeptide(L)' GAGDESWMQREVWMSVFRYLSRRELCECMRVCKTWYKWCCDKRLWTK C,F
3 'polypeptide(L)'
;GSGMQIFVKTFRDRLRNLLPQTITLEVEPSDTIENVKAKIQDKEGIPPDQQVLIFSRKRLEDGRTLSDYNIQKESTLRLV
LVFGRR
;
D,H
#
# COMPACT_ATOMS: atom_id res chain seq x y z
N ALA A 2 32.35 -14.53 27.02
CA ALA A 2 31.59 -14.32 28.24
C ALA A 2 30.10 -14.18 27.93
N MET A 3 29.69 -14.70 26.78
CA MET A 3 28.29 -14.64 26.36
C MET A 3 28.02 -15.83 25.45
N PRO A 4 26.92 -16.54 25.65
CA PRO A 4 26.59 -17.68 24.79
C PRO A 4 26.10 -17.24 23.43
N SER A 5 26.51 -17.96 22.39
CA SER A 5 26.16 -17.57 21.03
C SER A 5 25.97 -18.82 20.18
N ILE A 6 24.96 -18.78 19.30
CA ILE A 6 24.73 -19.85 18.35
C ILE A 6 24.70 -19.23 16.96
N LYS A 7 25.08 -20.01 15.97
CA LYS A 7 24.97 -19.59 14.58
C LYS A 7 23.61 -19.98 14.02
N LEU A 8 22.99 -19.06 13.29
CA LEU A 8 21.70 -19.30 12.63
C LEU A 8 21.84 -18.92 11.16
N GLN A 9 21.85 -19.92 10.29
CA GLN A 9 21.96 -19.66 8.86
C GLN A 9 20.58 -19.30 8.33
N SER A 10 20.50 -18.19 7.61
CA SER A 10 19.23 -17.74 7.08
C SER A 10 18.91 -18.48 5.79
N SER A 11 17.76 -18.15 5.19
CA SER A 11 17.42 -18.74 3.90
C SER A 11 18.38 -18.24 2.82
N ASP A 12 18.76 -16.96 2.88
CA ASP A 12 19.71 -16.41 1.93
C ASP A 12 21.08 -17.06 2.06
N GLY A 13 21.45 -17.47 3.27
CA GLY A 13 22.77 -18.02 3.54
C GLY A 13 23.58 -17.23 4.53
N GLU A 14 23.15 -16.02 4.88
CA GLU A 14 23.87 -15.19 5.83
C GLU A 14 23.74 -15.77 7.22
N ILE A 15 24.86 -16.13 7.82
CA ILE A 15 24.88 -16.72 9.16
C ILE A 15 24.75 -15.61 10.20
N PHE A 16 23.93 -15.84 11.21
CA PHE A 16 23.70 -14.89 12.29
C PHE A 16 24.16 -15.49 13.61
N GLU A 17 25.06 -14.79 14.29
CA GLU A 17 25.53 -15.21 15.61
C GLU A 17 24.69 -14.47 16.64
N VAL A 18 23.71 -15.16 17.20
CA VAL A 18 22.77 -14.57 18.15
C VAL A 18 22.87 -15.34 19.47
N ASP A 19 22.52 -14.67 20.56
CA ASP A 19 22.60 -15.28 21.88
C ASP A 19 21.54 -16.37 22.02
N VAL A 20 21.89 -17.43 22.75
CA VAL A 20 20.97 -18.54 22.92
C VAL A 20 19.77 -18.13 23.76
N GLU A 21 19.95 -17.15 24.66
CA GLU A 21 18.86 -16.75 25.53
C GLU A 21 17.73 -16.10 24.75
N ILE A 22 18.00 -15.54 23.58
CA ILE A 22 16.96 -14.93 22.78
C ILE A 22 16.57 -15.89 21.67
N ALA A 23 17.49 -16.76 21.26
CA ALA A 23 17.12 -17.82 20.32
C ALA A 23 16.20 -18.84 20.98
N LYS A 24 16.31 -18.99 22.31
CA LYS A 24 15.39 -19.82 23.06
C LYS A 24 13.98 -19.27 23.07
N GLN A 25 13.80 -18.00 22.67
CA GLN A 25 12.45 -17.46 22.52
C GLN A 25 11.70 -18.16 21.40
N SER A 26 12.41 -18.62 20.38
CA SER A 26 11.82 -19.43 19.31
C SER A 26 11.91 -20.89 19.74
N VAL A 27 10.77 -21.45 20.15
CA VAL A 27 10.77 -22.79 20.74
C VAL A 27 11.20 -23.86 19.75
N THR A 28 11.15 -23.59 18.45
CA THR A 28 11.64 -24.54 17.47
C THR A 28 13.16 -24.64 17.48
N ILE A 29 13.86 -23.54 17.79
CA ILE A 29 15.32 -23.59 17.82
C ILE A 29 15.81 -24.34 19.06
N LYS A 30 15.23 -24.06 20.23
CA LYS A 30 15.67 -24.73 21.44
C LYS A 30 15.33 -26.22 21.41
N THR A 31 14.17 -26.57 20.86
CA THR A 31 13.81 -27.98 20.72
C THR A 31 14.62 -28.66 19.62
N MET A 32 15.14 -27.89 18.65
CA MET A 32 16.02 -28.46 17.63
C MET A 32 17.35 -28.92 18.21
N LEU A 33 17.75 -28.37 19.36
CA LEU A 33 19.01 -28.71 20.00
C LEU A 33 18.91 -29.90 20.95
N GLU A 34 17.71 -30.46 21.12
CA GLU A 34 17.55 -31.60 22.03
C GLU A 34 18.23 -32.84 21.46
N ASP A 35 18.50 -33.80 22.36
CA ASP A 35 19.23 -35.02 22.02
C ASP A 35 20.59 -34.71 21.40
N ASP A 44 27.51 -26.64 17.29
CA ASP A 44 28.71 -26.19 16.58
C ASP A 44 28.44 -26.07 15.08
N ASP A 45 27.20 -25.78 14.73
CA ASP A 45 26.78 -25.62 13.35
C ASP A 45 25.58 -24.67 13.31
N PRO A 46 25.41 -23.92 12.23
CA PRO A 46 24.28 -22.97 12.16
C PRO A 46 22.96 -23.71 12.00
N VAL A 47 22.01 -23.38 12.87
CA VAL A 47 20.68 -23.98 12.82
C VAL A 47 19.90 -23.38 11.65
N PRO A 48 19.24 -24.19 10.83
CA PRO A 48 18.58 -23.65 9.64
C PRO A 48 17.28 -22.95 9.99
N LEU A 49 17.00 -21.88 9.23
CA LEU A 49 15.76 -21.11 9.35
C LEU A 49 15.06 -21.09 8.00
N PRO A 50 14.23 -22.09 7.71
CA PRO A 50 13.65 -22.19 6.37
C PRO A 50 12.58 -21.14 6.14
N ASN A 51 12.53 -20.63 4.91
CA ASN A 51 11.54 -19.67 4.45
C ASN A 51 11.70 -18.32 5.16
N VAL A 52 12.64 -18.19 6.06
CA VAL A 52 12.90 -16.95 6.78
C VAL A 52 14.12 -16.30 6.15
N ASN A 53 13.89 -15.18 5.46
CA ASN A 53 14.98 -14.46 4.82
C ASN A 53 15.88 -13.79 5.86
N ALA A 54 17.11 -13.47 5.44
CA ALA A 54 18.05 -12.83 6.34
C ALA A 54 17.61 -11.43 6.73
N ALA A 55 16.76 -10.80 5.92
CA ALA A 55 16.24 -9.48 6.26
C ALA A 55 15.15 -9.59 7.33
N ILE A 56 14.22 -10.52 7.14
CA ILE A 56 13.16 -10.72 8.14
C ILE A 56 13.74 -11.28 9.42
N LEU A 57 14.78 -12.11 9.32
CA LEU A 57 15.42 -12.66 10.52
C LEU A 57 15.87 -11.54 11.45
N LYS A 58 16.43 -10.47 10.90
CA LYS A 58 16.83 -9.34 11.72
C LYS A 58 15.62 -8.68 12.36
N LYS A 59 14.54 -8.51 11.59
CA LYS A 59 13.31 -7.96 12.15
C LYS A 59 12.73 -8.89 13.21
N VAL A 60 12.94 -10.20 13.06
CA VAL A 60 12.50 -11.13 14.09
C VAL A 60 13.34 -10.96 15.35
N ILE A 61 14.63 -10.68 15.20
CA ILE A 61 15.51 -10.53 16.35
C ILE A 61 15.13 -9.29 17.15
N GLN A 62 14.81 -8.19 16.46
CA GLN A 62 14.46 -6.96 17.17
C GLN A 62 13.22 -7.12 18.02
N TRP A 63 12.23 -7.88 17.54
CA TRP A 63 11.05 -8.13 18.36
C TRP A 63 11.38 -9.07 19.52
N CYS A 64 12.15 -10.11 19.25
CA CYS A 64 12.50 -11.07 20.31
C CYS A 64 13.39 -10.41 21.35
N THR A 65 14.46 -9.73 20.92
CA THR A 65 15.38 -9.11 21.86
C THR A 65 14.71 -8.04 22.71
N HIS A 66 13.56 -7.52 22.27
CA HIS A 66 12.78 -6.62 23.10
C HIS A 66 11.90 -7.39 24.08
N HIS A 67 11.38 -8.55 23.66
CA HIS A 67 10.52 -9.38 24.49
C HIS A 67 11.28 -10.47 25.23
N LYS A 68 12.55 -10.24 25.56
CA LYS A 68 13.36 -11.23 26.27
C LYS A 68 12.88 -11.48 27.70
N ASP A 69 11.99 -10.65 28.23
CA ASP A 69 11.52 -10.77 29.61
C ASP A 69 10.02 -11.07 29.68
N ASP A 70 9.54 -11.94 28.78
CA ASP A 70 8.14 -12.35 28.75
C ASP A 70 8.07 -13.87 28.59
N PRO A 71 7.32 -14.56 29.44
CA PRO A 71 7.31 -16.04 29.39
C PRO A 71 6.40 -16.59 28.30
N PRO A 72 5.16 -16.08 28.12
CA PRO A 72 4.66 -16.53 26.82
C PRO A 72 4.14 -15.41 25.93
N THR A 84 -10.56 -7.29 24.93
CA THR A 84 -9.59 -6.28 25.34
C THR A 84 -8.45 -6.14 24.33
N ASP A 85 -8.33 -4.96 23.73
CA ASP A 85 -7.26 -4.70 22.76
C ASP A 85 -5.92 -4.73 23.47
N ASP A 86 -5.15 -5.80 23.24
CA ASP A 86 -3.88 -6.01 23.92
C ASP A 86 -2.67 -5.70 23.05
N ILE A 87 -2.81 -4.90 22.00
CA ILE A 87 -1.69 -4.61 21.13
C ILE A 87 -0.70 -3.70 21.88
N PRO A 88 0.57 -4.12 22.01
CA PRO A 88 1.55 -3.27 22.69
C PRO A 88 1.83 -2.00 21.91
N VAL A 89 2.33 -1.00 22.63
CA VAL A 89 2.60 0.30 22.00
C VAL A 89 3.86 0.24 21.14
N TRP A 90 4.94 -0.31 21.68
CA TRP A 90 6.19 -0.41 20.93
C TRP A 90 6.08 -1.40 19.78
N ASP A 91 5.32 -2.48 19.96
CA ASP A 91 5.17 -3.46 18.89
C ASP A 91 4.35 -2.90 17.74
N GLN A 92 3.27 -2.17 18.04
CA GLN A 92 2.47 -1.58 16.97
C GLN A 92 3.25 -0.51 16.20
N GLU A 93 4.23 0.12 16.85
CA GLU A 93 5.14 1.01 16.13
C GLU A 93 6.25 0.23 15.45
N PHE A 94 6.58 -0.96 15.98
CA PHE A 94 7.56 -1.82 15.34
C PHE A 94 6.97 -2.45 14.07
N LEU A 95 5.65 -2.58 14.01
CA LEU A 95 4.96 -3.14 12.85
C LEU A 95 4.49 -2.06 11.88
N LYS A 96 5.03 -0.84 11.99
CA LYS A 96 4.79 0.20 11.00
C LYS A 96 5.70 -0.01 9.80
N VAL A 97 5.52 -1.17 9.16
CA VAL A 97 6.31 -1.61 8.03
C VAL A 97 5.36 -1.96 6.89
N ASP A 98 5.92 -2.15 5.70
CA ASP A 98 5.08 -2.43 4.53
C ASP A 98 4.29 -3.73 4.74
N GLN A 99 3.13 -3.80 4.10
CA GLN A 99 2.27 -4.97 4.25
C GLN A 99 2.96 -6.26 3.82
N GLY A 100 3.81 -6.19 2.80
CA GLY A 100 4.49 -7.39 2.34
C GLY A 100 5.36 -8.01 3.41
N THR A 101 6.19 -7.21 4.07
CA THR A 101 7.07 -7.72 5.10
C THR A 101 6.29 -8.19 6.33
N LEU A 102 5.11 -7.62 6.58
CA LEU A 102 4.31 -8.06 7.71
C LEU A 102 3.82 -9.49 7.52
N PHE A 103 3.35 -9.82 6.32
CA PHE A 103 3.01 -11.22 6.03
C PHE A 103 4.21 -12.13 6.16
N GLU A 104 5.39 -11.65 5.75
CA GLU A 104 6.60 -12.44 5.92
C GLU A 104 7.00 -12.56 7.38
N LEU A 105 6.45 -11.73 8.25
CA LEU A 105 6.71 -11.82 9.68
C LEU A 105 5.73 -12.76 10.39
N ILE A 106 4.54 -12.97 9.83
CA ILE A 106 3.59 -13.91 10.41
C ILE A 106 4.06 -15.35 10.16
N LEU A 107 4.49 -15.63 8.93
CA LEU A 107 4.94 -17.00 8.61
C LEU A 107 6.15 -17.39 9.45
N ALA A 108 7.08 -16.47 9.65
CA ALA A 108 8.27 -16.78 10.44
C ALA A 108 7.90 -17.11 11.88
N ALA A 109 7.05 -16.28 12.50
CA ALA A 109 6.63 -16.54 13.87
C ALA A 109 5.87 -17.85 14.02
N ASN A 110 5.54 -18.51 12.91
CA ASN A 110 4.98 -19.85 12.93
C ASN A 110 6.07 -20.90 12.76
N TYR A 111 7.02 -20.63 11.87
CA TYR A 111 8.18 -21.51 11.70
C TYR A 111 9.04 -21.53 12.96
N LEU A 112 9.33 -20.36 13.53
CA LEU A 112 10.06 -20.29 14.79
C LEU A 112 9.18 -20.54 16.02
N ASP A 113 7.87 -20.67 15.85
CA ASP A 113 6.94 -20.86 16.96
C ASP A 113 7.13 -19.77 18.02
N ILE A 114 6.81 -18.54 17.60
CA ILE A 114 6.89 -17.36 18.44
C ILE A 114 5.46 -16.94 18.73
N LYS A 115 4.95 -17.34 19.91
CA LYS A 115 3.55 -17.08 20.21
C LYS A 115 3.27 -15.59 20.38
N GLY A 116 4.24 -14.81 20.84
CA GLY A 116 4.01 -13.38 20.99
C GLY A 116 3.98 -12.66 19.65
N LEU A 117 4.92 -13.00 18.76
CA LEU A 117 4.96 -12.36 17.45
C LEU A 117 3.84 -12.88 16.53
N LEU A 118 3.45 -14.14 16.69
CA LEU A 118 2.35 -14.68 15.90
C LEU A 118 1.04 -13.99 16.22
N ASP A 119 0.84 -13.61 17.49
CA ASP A 119 -0.41 -12.97 17.88
C ASP A 119 -0.40 -11.48 17.57
N VAL A 120 0.71 -10.79 17.84
CA VAL A 120 0.77 -9.35 17.62
C VAL A 120 0.67 -9.03 16.13
N THR A 121 1.27 -9.86 15.29
CA THR A 121 1.21 -9.62 13.84
C THR A 121 -0.14 -10.00 13.26
N CYS A 122 -0.75 -11.08 13.76
CA CYS A 122 -2.07 -11.46 13.28
C CYS A 122 -3.14 -10.48 13.76
N LYS A 123 -3.02 -10.01 15.00
CA LYS A 123 -3.99 -9.04 15.50
C LYS A 123 -3.89 -7.71 14.76
N THR A 124 -2.70 -7.38 14.25
CA THR A 124 -2.52 -6.13 13.53
C THR A 124 -3.13 -6.19 12.13
N VAL A 125 -3.03 -7.35 11.46
CA VAL A 125 -3.69 -7.51 10.17
C VAL A 125 -5.21 -7.49 10.36
N ALA A 126 -5.69 -8.15 11.42
CA ALA A 126 -7.12 -8.10 11.73
C ALA A 126 -7.54 -6.68 12.09
N ASN A 127 -6.67 -5.93 12.76
CA ASN A 127 -6.92 -4.51 12.99
C ASN A 127 -6.96 -3.72 11.68
N MET A 128 -6.25 -4.19 10.66
CA MET A 128 -6.32 -3.54 9.36
C MET A 128 -7.59 -3.92 8.60
N ILE A 129 -8.17 -5.08 8.92
CA ILE A 129 -9.40 -5.50 8.29
C ILE A 129 -10.62 -5.00 9.06
N LYS A 130 -10.51 -4.92 10.38
CA LYS A 130 -11.63 -4.50 11.21
C LYS A 130 -11.97 -3.03 10.94
N GLY A 131 -13.26 -2.72 11.11
CA GLY A 131 -13.72 -1.34 10.98
C GLY A 131 -13.82 -0.82 9.57
N LYS A 132 -13.75 -1.69 8.56
CA LYS A 132 -13.80 -1.25 7.18
C LYS A 132 -14.79 -2.10 6.39
N THR A 133 -15.41 -1.48 5.40
CA THR A 133 -16.30 -2.18 4.49
C THR A 133 -15.50 -3.18 3.65
N PRO A 134 -16.17 -4.21 3.10
CA PRO A 134 -15.42 -5.22 2.32
C PRO A 134 -14.65 -4.63 1.15
N GLU A 135 -15.19 -3.59 0.51
CA GLU A 135 -14.43 -2.91 -0.53
C GLU A 135 -13.22 -2.19 0.07
N GLU A 136 -13.39 -1.56 1.24
CA GLU A 136 -12.27 -0.91 1.90
C GLU A 136 -11.23 -1.93 2.37
N ILE A 137 -11.64 -3.15 2.67
CA ILE A 137 -10.68 -4.20 3.00
C ILE A 137 -9.91 -4.63 1.76
N ARG A 138 -10.63 -4.85 0.66
CA ARG A 138 -9.98 -5.26 -0.59
C ARG A 138 -9.07 -4.17 -1.14
N LYS A 139 -9.46 -2.90 -0.98
CA LYS A 139 -8.65 -1.81 -1.49
C LYS A 139 -7.30 -1.71 -0.78
N THR A 140 -7.19 -2.27 0.42
CA THR A 140 -5.91 -2.23 1.14
C THR A 140 -4.95 -3.29 0.65
N PHE A 141 -5.45 -4.47 0.26
CA PHE A 141 -4.61 -5.57 -0.17
C PHE A 141 -4.82 -5.98 -1.63
N ASN A 142 -5.73 -5.33 -2.35
CA ASN A 142 -5.98 -5.67 -3.74
C ASN A 142 -6.68 -4.53 -4.48
N ASP A 146 -12.64 -10.12 -7.99
CA ASP A 146 -12.90 -11.24 -8.90
C ASP A 146 -14.30 -11.79 -8.69
N PHE A 147 -15.31 -10.94 -8.88
CA PHE A 147 -16.71 -11.30 -8.70
C PHE A 147 -17.50 -10.97 -9.96
N THR A 148 -18.52 -11.78 -10.23
CA THR A 148 -19.53 -11.39 -11.19
C THR A 148 -20.44 -10.32 -10.57
N GLU A 149 -21.29 -9.73 -11.41
CA GLU A 149 -22.18 -8.69 -10.91
C GLU A 149 -23.21 -9.27 -9.94
N GLU A 150 -23.67 -10.50 -10.18
CA GLU A 150 -24.56 -11.15 -9.23
C GLU A 150 -23.80 -11.79 -8.08
N GLU A 151 -22.50 -12.05 -8.26
CA GLU A 151 -21.71 -12.66 -7.20
C GLU A 151 -21.68 -11.78 -5.96
N GLU A 152 -21.69 -10.46 -6.12
CA GLU A 152 -21.76 -9.57 -4.97
C GLU A 152 -23.13 -9.65 -4.32
N ALA A 153 -24.18 -9.82 -5.13
CA ALA A 153 -25.52 -9.98 -4.57
C ALA A 153 -25.72 -11.38 -4.02
N GLN A 154 -25.17 -12.39 -4.71
CA GLN A 154 -25.30 -13.77 -4.24
C GLN A 154 -24.55 -13.99 -2.94
N VAL A 155 -23.41 -13.30 -2.75
CA VAL A 155 -22.66 -13.46 -1.51
C VAL A 155 -23.39 -12.77 -0.36
N ARG A 156 -24.21 -11.76 -0.67
CA ARG A 156 -25.00 -11.10 0.37
C ARG A 156 -26.08 -12.00 0.92
N LYS A 157 -26.51 -13.01 0.16
CA LYS A 157 -27.56 -13.92 0.62
C LYS A 157 -27.04 -14.85 1.70
N ALA B 2 -26.27 28.58 13.48
CA ALA B 2 -25.64 29.28 14.60
C ALA B 2 -24.13 29.25 14.46
N MET B 3 -23.66 29.02 13.24
CA MET B 3 -22.24 28.94 12.90
C MET B 3 -22.11 29.32 11.44
N PRO B 4 -21.07 30.04 11.05
CA PRO B 4 -20.95 30.41 9.63
C PRO B 4 -20.65 29.17 8.80
N SER B 5 -21.31 29.08 7.66
CA SER B 5 -21.27 27.87 6.84
C SER B 5 -21.33 28.23 5.37
N ILE B 6 -20.60 27.48 4.55
CA ILE B 6 -20.65 27.61 3.10
C ILE B 6 -20.99 26.24 2.52
N LYS B 7 -21.82 26.25 1.48
CA LYS B 7 -22.14 25.03 0.75
C LYS B 7 -21.19 24.90 -0.44
N LEU B 8 -20.61 23.72 -0.61
CA LEU B 8 -19.72 23.44 -1.74
C LEU B 8 -20.15 22.14 -2.39
N GLN B 9 -20.73 22.24 -3.59
CA GLN B 9 -21.22 21.08 -4.32
C GLN B 9 -20.10 20.38 -5.04
N SER B 10 -20.03 19.06 -4.87
CA SER B 10 -18.98 18.25 -5.47
C SER B 10 -19.29 17.95 -6.94
N SER B 11 -18.40 17.20 -7.58
CA SER B 11 -18.63 16.79 -8.96
C SER B 11 -19.81 15.85 -9.08
N ASP B 12 -19.98 14.93 -8.13
CA ASP B 12 -21.12 14.03 -8.15
C ASP B 12 -22.43 14.80 -7.97
N GLY B 13 -22.41 15.88 -7.20
CA GLY B 13 -23.60 16.65 -6.89
C GLY B 13 -23.94 16.72 -5.41
N GLU B 14 -23.30 15.92 -4.56
CA GLU B 14 -23.59 15.93 -3.14
C GLU B 14 -23.09 17.23 -2.51
N ILE B 15 -24.01 18.00 -1.94
CA ILE B 15 -23.67 19.28 -1.32
C ILE B 15 -23.10 19.04 0.07
N PHE B 16 -22.05 19.77 0.40
CA PHE B 16 -21.37 19.66 1.68
C PHE B 16 -21.47 21.00 2.41
N GLU B 17 -22.05 20.98 3.60
CA GLU B 17 -22.17 22.18 4.44
C GLU B 17 -21.02 22.17 5.45
N VAL B 18 -19.98 22.96 5.17
CA VAL B 18 -18.79 23.01 5.99
C VAL B 18 -18.59 24.44 6.49
N ASP B 19 -17.91 24.56 7.63
CA ASP B 19 -17.65 25.87 8.21
C ASP B 19 -16.70 26.68 7.35
N VAL B 20 -16.90 28.00 7.35
CA VAL B 20 -16.08 28.88 6.53
C VAL B 20 -14.64 28.91 7.03
N GLU B 21 -14.43 28.67 8.33
CA GLU B 21 -13.09 28.69 8.88
C GLU B 21 -12.23 27.54 8.36
N ILE B 22 -12.84 26.46 7.89
CA ILE B 22 -12.10 25.29 7.42
C ILE B 22 -11.98 25.36 5.90
N ALA B 23 -12.97 25.97 5.26
CA ALA B 23 -12.88 26.18 3.81
C ALA B 23 -11.82 27.23 3.48
N LYS B 24 -11.54 28.15 4.40
CA LYS B 24 -10.47 29.13 4.20
C LYS B 24 -9.10 28.50 4.12
N GLN B 25 -8.95 27.24 4.52
CA GLN B 25 -7.68 26.55 4.32
C GLN B 25 -7.41 26.32 2.84
N SER B 26 -8.47 26.09 2.06
CA SER B 26 -8.37 26.02 0.60
C SER B 26 -8.65 27.40 0.04
N VAL B 27 -7.60 28.12 -0.37
CA VAL B 27 -7.79 29.49 -0.83
C VAL B 27 -8.58 29.55 -2.13
N THR B 28 -8.74 28.43 -2.82
CA THR B 28 -9.60 28.42 -4.00
C THR B 28 -11.05 28.63 -3.61
N ILE B 29 -11.46 28.08 -2.47
CA ILE B 29 -12.79 28.35 -1.95
C ILE B 29 -12.83 29.74 -1.32
N LYS B 30 -11.78 30.11 -0.58
CA LYS B 30 -11.74 31.42 0.05
C LYS B 30 -11.73 32.52 -0.99
N THR B 31 -11.03 32.32 -2.11
CA THR B 31 -11.09 33.27 -3.20
C THR B 31 -12.43 33.19 -3.94
N MET B 32 -13.12 32.06 -3.84
CA MET B 32 -14.45 31.96 -4.44
C MET B 32 -15.46 32.85 -3.72
N LEU B 33 -15.24 33.14 -2.45
CA LEU B 33 -16.14 33.98 -1.68
C LEU B 33 -15.79 35.46 -1.71
N GLU B 34 -14.63 35.84 -2.28
CA GLU B 34 -14.28 37.25 -2.34
C GLU B 34 -15.11 38.04 -3.33
N ASP B 35 -16.11 37.40 -3.95
CA ASP B 35 -16.90 38.03 -4.99
C ASP B 35 -18.29 37.42 -4.97
N LEU B 36 -19.16 37.94 -5.85
CA LEU B 36 -20.52 37.44 -5.96
C LEU B 36 -20.85 37.07 -7.40
N ASP B 43 -24.73 34.33 0.00
CA ASP B 43 -24.56 33.69 -1.30
C ASP B 43 -25.82 32.93 -1.70
N ASP B 44 -26.33 32.13 -0.77
CA ASP B 44 -27.57 31.37 -0.95
C ASP B 44 -27.48 30.40 -2.11
N ASP B 45 -26.28 29.90 -2.41
CA ASP B 45 -26.11 28.92 -3.48
C ASP B 45 -24.88 28.06 -3.19
N PRO B 46 -24.93 26.78 -3.52
CA PRO B 46 -23.76 25.91 -3.32
C PRO B 46 -22.69 26.18 -4.36
N VAL B 47 -21.46 26.39 -3.92
CA VAL B 47 -20.38 26.64 -4.88
C VAL B 47 -20.00 25.30 -5.53
N PRO B 48 -19.88 25.26 -6.86
CA PRO B 48 -19.63 23.98 -7.53
C PRO B 48 -18.16 23.59 -7.52
N LEU B 49 -17.92 22.28 -7.45
CA LEU B 49 -16.60 21.69 -7.62
C LEU B 49 -16.72 20.68 -8.77
N PRO B 50 -16.60 21.13 -10.01
CA PRO B 50 -16.84 20.23 -11.15
C PRO B 50 -15.73 19.22 -11.36
N ASN B 51 -14.75 19.17 -10.45
CA ASN B 51 -13.66 18.22 -10.56
C ASN B 51 -13.35 17.47 -9.27
N VAL B 52 -14.02 17.79 -8.17
CA VAL B 52 -13.81 17.12 -6.90
C VAL B 52 -14.99 16.19 -6.65
N ASN B 53 -14.75 14.88 -6.71
CA ASN B 53 -15.82 13.93 -6.46
C ASN B 53 -16.22 13.96 -4.98
N ALA B 54 -17.43 13.46 -4.71
CA ALA B 54 -17.96 13.49 -3.35
C ALA B 54 -17.19 12.58 -2.40
N ALA B 55 -16.51 11.56 -2.91
CA ALA B 55 -15.75 10.68 -2.04
C ALA B 55 -14.42 11.31 -1.62
N ILE B 56 -13.66 11.83 -2.59
CA ILE B 56 -12.38 12.46 -2.28
C ILE B 56 -12.58 13.76 -1.52
N LEU B 57 -13.66 14.50 -1.82
CA LEU B 57 -13.94 15.72 -1.09
C LEU B 57 -14.03 15.48 0.41
N LYS B 58 -14.63 14.36 0.81
CA LYS B 58 -14.71 14.03 2.22
C LYS B 58 -13.32 13.80 2.82
N LYS B 59 -12.45 13.11 2.09
CA LYS B 59 -11.08 12.90 2.56
C LYS B 59 -10.33 14.22 2.68
N VAL B 60 -10.65 15.19 1.83
CA VAL B 60 -10.04 16.51 1.94
C VAL B 60 -10.50 17.20 3.21
N ILE B 61 -11.77 17.01 3.58
CA ILE B 61 -12.30 17.67 4.77
C ILE B 61 -11.64 17.13 6.04
N GLN B 62 -11.41 15.82 6.09
CA GLN B 62 -10.78 15.24 7.27
C GLN B 62 -9.38 15.80 7.49
N TRP B 63 -8.66 16.07 6.40
CA TRP B 63 -7.36 16.73 6.54
C TRP B 63 -7.53 18.18 6.96
N CYS B 64 -8.51 18.88 6.37
CA CYS B 64 -8.73 20.27 6.73
C CYS B 64 -9.27 20.40 8.15
N THR B 65 -10.31 19.63 8.49
CA THR B 65 -10.91 19.72 9.82
C THR B 65 -9.96 19.30 10.92
N HIS B 66 -8.92 18.52 10.62
CA HIS B 66 -7.90 18.24 11.64
C HIS B 66 -6.89 19.37 11.73
N HIS B 67 -6.56 19.99 10.61
CA HIS B 67 -5.63 21.12 10.59
C HIS B 67 -6.35 22.45 10.71
N LYS B 68 -7.52 22.47 11.38
CA LYS B 68 -8.29 23.69 11.54
C LYS B 68 -7.58 24.73 12.41
N ASP B 69 -6.53 24.34 13.12
CA ASP B 69 -5.79 25.25 13.98
C ASP B 69 -4.35 25.37 13.49
N ASP B 70 -4.17 25.33 12.16
CA ASP B 70 -2.88 25.50 11.52
C ASP B 70 -3.04 26.43 10.32
N PRO B 71 -2.29 27.52 10.24
CA PRO B 71 -2.43 28.48 9.14
C PRO B 71 -1.54 28.15 7.94
N GLU B 81 14.83 18.98 -3.93
CA GLU B 81 15.21 18.09 -2.84
C GLU B 81 14.73 18.63 -1.49
N LYS B 82 13.47 19.07 -1.46
CA LYS B 82 12.88 19.53 -0.21
C LYS B 82 12.84 18.38 0.79
N ARG B 83 13.02 18.73 2.07
CA ARG B 83 13.14 17.72 3.11
C ARG B 83 11.83 16.96 3.28
N THR B 84 11.81 15.72 2.79
CA THR B 84 10.71 14.81 3.10
C THR B 84 10.98 14.20 4.49
N ASP B 85 10.24 13.15 4.83
CA ASP B 85 10.31 12.43 6.10
C ASP B 85 9.86 13.26 7.28
N ASP B 86 9.36 14.48 7.06
CA ASP B 86 8.87 15.34 8.12
C ASP B 86 7.35 15.33 8.18
N ILE B 87 6.72 14.32 7.59
CA ILE B 87 5.26 14.20 7.57
C ILE B 87 4.78 13.85 8.99
N PRO B 88 3.79 14.56 9.52
CA PRO B 88 3.31 14.26 10.87
C PRO B 88 2.75 12.84 10.96
N VAL B 89 2.64 12.36 12.19
CA VAL B 89 2.21 10.98 12.42
C VAL B 89 0.74 10.81 12.05
N TRP B 90 -0.11 11.76 12.44
CA TRP B 90 -1.52 11.65 12.11
C TRP B 90 -1.73 11.75 10.61
N ASP B 91 -0.93 12.56 9.92
CA ASP B 91 -1.02 12.65 8.47
C ASP B 91 -0.51 11.37 7.80
N GLN B 92 0.58 10.79 8.33
CA GLN B 92 1.08 9.53 7.79
C GLN B 92 0.09 8.40 8.00
N GLU B 93 -0.73 8.48 9.05
CA GLU B 93 -1.82 7.52 9.22
C GLU B 93 -3.04 7.91 8.41
N PHE B 94 -3.20 9.22 8.13
CA PHE B 94 -4.29 9.66 7.27
C PHE B 94 -4.05 9.31 5.81
N LEU B 95 -2.79 9.26 5.37
CA LEU B 95 -2.46 8.98 3.99
C LEU B 95 -2.08 7.53 3.75
N LYS B 96 -2.39 6.63 4.70
CA LYS B 96 -2.21 5.19 4.47
C LYS B 96 -3.41 4.64 3.69
N VAL B 97 -3.55 5.13 2.47
CA VAL B 97 -4.65 4.77 1.59
C VAL B 97 -4.07 4.23 0.29
N ASP B 98 -4.94 3.64 -0.53
CA ASP B 98 -4.50 3.04 -1.77
C ASP B 98 -3.85 4.06 -2.68
N GLN B 99 -2.95 3.57 -3.54
CA GLN B 99 -2.23 4.47 -4.45
C GLN B 99 -3.20 5.23 -5.35
N GLY B 100 -4.32 4.61 -5.73
CA GLY B 100 -5.27 5.29 -6.58
C GLY B 100 -5.85 6.53 -5.93
N THR B 101 -6.35 6.40 -4.69
CA THR B 101 -6.97 7.55 -4.04
C THR B 101 -5.95 8.63 -3.69
N LEU B 102 -4.70 8.24 -3.43
CA LEU B 102 -3.67 9.25 -3.16
C LEU B 102 -3.35 10.04 -4.43
N PHE B 103 -3.30 9.34 -5.57
CA PHE B 103 -3.12 10.01 -6.85
C PHE B 103 -4.23 11.02 -7.11
N GLU B 104 -5.46 10.67 -6.72
CA GLU B 104 -6.57 11.62 -6.82
C GLU B 104 -6.50 12.72 -5.78
N LEU B 105 -5.67 12.56 -4.75
CA LEU B 105 -5.56 13.58 -3.70
C LEU B 105 -4.56 14.67 -4.06
N ILE B 106 -3.60 14.38 -4.94
CA ILE B 106 -2.71 15.44 -5.41
C ILE B 106 -3.47 16.37 -6.35
N LEU B 107 -4.26 15.82 -7.25
CA LEU B 107 -5.03 16.64 -8.18
C LEU B 107 -6.02 17.52 -7.44
N ALA B 108 -6.71 16.96 -6.44
CA ALA B 108 -7.68 17.73 -5.68
C ALA B 108 -7.00 18.87 -4.94
N ALA B 109 -5.89 18.57 -4.26
CA ALA B 109 -5.12 19.59 -3.54
C ALA B 109 -4.53 20.63 -4.46
N ASN B 110 -4.60 20.44 -5.78
CA ASN B 110 -4.24 21.49 -6.73
C ASN B 110 -5.45 22.27 -7.23
N TYR B 111 -6.57 21.60 -7.50
CA TYR B 111 -7.78 22.32 -7.88
C TYR B 111 -8.21 23.23 -6.73
N LEU B 112 -8.30 22.67 -5.53
CA LEU B 112 -8.42 23.47 -4.32
C LEU B 112 -7.01 23.86 -3.91
N ASP B 113 -6.71 25.15 -3.88
CA ASP B 113 -5.34 25.57 -3.63
C ASP B 113 -4.94 25.31 -2.18
N ILE B 114 -4.75 24.03 -1.85
CA ILE B 114 -4.38 23.60 -0.51
C ILE B 114 -2.91 23.20 -0.55
N LYS B 115 -2.04 24.13 -0.15
CA LYS B 115 -0.61 23.87 -0.22
C LYS B 115 -0.17 22.81 0.77
N GLY B 116 -0.85 22.71 1.91
CA GLY B 116 -0.47 21.71 2.90
C GLY B 116 -0.78 20.30 2.48
N LEU B 117 -1.97 20.08 1.91
CA LEU B 117 -2.34 18.75 1.45
C LEU B 117 -1.60 18.37 0.18
N LEU B 118 -1.27 19.35 -0.66
CA LEU B 118 -0.51 19.06 -1.88
C LEU B 118 0.89 18.55 -1.56
N ASP B 119 1.48 19.04 -0.47
CA ASP B 119 2.85 18.64 -0.15
C ASP B 119 2.90 17.29 0.55
N VAL B 120 2.02 17.06 1.51
CA VAL B 120 2.06 15.79 2.25
C VAL B 120 1.72 14.63 1.32
N THR B 121 0.80 14.83 0.38
CA THR B 121 0.45 13.77 -0.55
C THR B 121 1.54 13.56 -1.60
N CYS B 122 2.15 14.64 -2.07
CA CYS B 122 3.25 14.50 -3.03
C CYS B 122 4.49 13.92 -2.36
N LYS B 123 4.78 14.34 -1.13
CA LYS B 123 5.94 13.81 -0.42
C LYS B 123 5.76 12.34 -0.08
N THR B 124 4.51 11.89 0.10
CA THR B 124 4.28 10.48 0.45
C THR B 124 4.52 9.57 -0.75
N VAL B 125 4.16 10.03 -1.95
CA VAL B 125 4.51 9.28 -3.15
C VAL B 125 6.02 9.25 -3.34
N ALA B 126 6.71 10.36 -3.04
CA ALA B 126 8.17 10.41 -3.17
C ALA B 126 8.86 9.53 -2.14
N ASN B 127 8.17 9.36 -1.02
CA ASN B 127 8.68 8.51 0.01
C ASN B 127 8.49 7.12 -0.52
N MET B 128 7.41 6.85 -1.23
CA MET B 128 7.27 5.49 -1.76
C MET B 128 8.31 5.15 -2.84
N ILE B 129 8.88 6.14 -3.50
CA ILE B 129 9.88 5.90 -4.55
C ILE B 129 11.28 5.80 -3.97
N LYS B 130 11.59 6.58 -2.94
CA LYS B 130 12.92 6.58 -2.36
C LYS B 130 13.21 5.23 -1.69
N GLY B 131 14.50 4.85 -1.70
CA GLY B 131 14.94 3.67 -1.00
C GLY B 131 14.63 2.35 -1.67
N LYS B 132 14.22 2.36 -2.94
CA LYS B 132 13.84 1.14 -3.64
C LYS B 132 14.52 1.09 -5.00
N THR B 133 14.82 -0.13 -5.45
CA THR B 133 15.39 -0.33 -6.77
C THR B 133 14.38 0.07 -7.84
N PRO B 134 14.85 0.42 -9.05
CA PRO B 134 13.92 0.85 -10.10
C PRO B 134 12.88 -0.19 -10.46
N GLU B 135 13.23 -1.48 -10.40
CA GLU B 135 12.22 -2.51 -10.61
C GLU B 135 11.19 -2.49 -9.48
N GLU B 136 11.63 -2.25 -8.25
CA GLU B 136 10.70 -2.11 -7.14
C GLU B 136 9.82 -0.87 -7.31
N ILE B 137 10.31 0.14 -8.02
CA ILE B 137 9.48 1.31 -8.31
C ILE B 137 8.35 0.94 -9.26
N ARG B 138 8.68 0.23 -10.34
CA ARG B 138 7.65 -0.21 -11.28
C ARG B 138 6.70 -1.19 -10.63
N LYS B 139 7.21 -2.05 -9.74
CA LYS B 139 6.36 -3.02 -9.06
C LYS B 139 5.38 -2.37 -8.10
N THR B 140 5.65 -1.13 -7.66
CA THR B 140 4.75 -0.44 -6.76
C THR B 140 3.57 0.19 -7.48
N PHE B 141 3.79 0.66 -8.71
CA PHE B 141 2.74 1.33 -9.47
C PHE B 141 2.33 0.57 -10.74
N ASN B 142 2.94 -0.58 -11.02
CA ASN B 142 2.62 -1.39 -12.21
C ASN B 142 2.82 -0.58 -13.48
N ILE B 143 4.06 -0.20 -13.72
CA ILE B 143 4.41 0.67 -14.84
C ILE B 143 5.08 -0.11 -15.96
N THR B 148 14.13 0.34 -24.46
CA THR B 148 14.92 -0.58 -25.27
C THR B 148 15.97 -1.28 -24.42
N GLU B 149 16.63 -2.29 -24.99
CA GLU B 149 17.66 -3.02 -24.26
C GLU B 149 18.88 -2.16 -23.97
N GLU B 150 19.21 -1.24 -24.87
CA GLU B 150 20.32 -0.32 -24.64
C GLU B 150 19.95 0.85 -23.74
N GLU B 151 18.65 1.12 -23.57
CA GLU B 151 18.24 2.24 -22.73
C GLU B 151 18.70 2.05 -21.28
N GLU B 152 18.75 0.80 -20.81
CA GLU B 152 19.27 0.55 -19.47
C GLU B 152 20.77 0.76 -19.39
N ALA B 153 21.49 0.46 -20.48
CA ALA B 153 22.94 0.67 -20.50
C ALA B 153 23.30 2.14 -20.63
N GLN B 154 22.52 2.89 -21.41
CA GLN B 154 22.83 4.31 -21.59
C GLN B 154 22.59 5.10 -20.29
N VAL B 155 21.57 4.72 -19.52
CA VAL B 155 21.32 5.40 -18.26
C VAL B 155 22.30 4.95 -17.18
N ARG B 156 22.81 3.72 -17.27
CA ARG B 156 23.78 3.23 -16.29
C ARG B 156 25.12 3.92 -16.40
N LYS B 157 25.47 4.44 -17.58
CA LYS B 157 26.76 5.09 -17.76
C LYS B 157 26.82 6.43 -17.03
N GLU B 158 25.74 7.21 -17.09
CA GLU B 158 25.75 8.53 -16.47
C GLU B 158 25.86 8.43 -14.96
N ASN B 159 24.88 7.80 -14.31
CA ASN B 159 24.86 7.62 -12.86
C ASN B 159 25.01 8.94 -12.12
N TRP C 7 -0.86 -23.07 -1.07
CA TRP C 7 -0.10 -21.86 -1.33
C TRP C 7 0.45 -21.27 -0.04
N MET C 8 0.12 -20.00 0.21
CA MET C 8 0.53 -19.34 1.45
C MET C 8 -0.54 -18.48 2.10
N GLN C 9 -1.62 -18.13 1.39
CA GLN C 9 -2.62 -17.19 1.91
C GLN C 9 -3.71 -17.82 2.75
N ARG C 10 -3.88 -19.15 2.74
CA ARG C 10 -5.02 -19.73 3.45
C ARG C 10 -4.82 -19.70 4.96
N GLU C 11 -3.74 -20.30 5.45
CA GLU C 11 -3.59 -20.45 6.89
C GLU C 11 -3.32 -19.12 7.59
N VAL C 12 -2.68 -18.17 6.91
CA VAL C 12 -2.40 -16.88 7.55
C VAL C 12 -3.68 -16.05 7.66
N TRP C 13 -4.50 -16.03 6.60
CA TRP C 13 -5.72 -15.24 6.65
C TRP C 13 -6.76 -15.87 7.57
N MET C 14 -6.81 -17.21 7.62
CA MET C 14 -7.72 -17.87 8.56
C MET C 14 -7.35 -17.57 10.01
N SER C 15 -6.07 -17.30 10.27
CA SER C 15 -5.63 -17.01 11.63
C SER C 15 -6.02 -15.60 12.06
N VAL C 16 -5.98 -14.63 11.15
CA VAL C 16 -6.42 -13.28 11.49
C VAL C 16 -7.94 -13.21 11.59
N PHE C 17 -8.65 -14.20 11.05
CA PHE C 17 -10.10 -14.23 11.18
C PHE C 17 -10.54 -14.62 12.59
N ARG C 18 -9.69 -15.34 13.33
CA ARG C 18 -10.05 -15.74 14.69
C ARG C 18 -10.14 -14.53 15.62
N TYR C 19 -9.29 -13.53 15.40
CA TYR C 19 -9.31 -12.34 16.25
C TYR C 19 -10.46 -11.41 15.92
N LEU C 20 -10.86 -11.36 14.65
CA LEU C 20 -12.02 -10.56 14.26
C LEU C 20 -13.29 -11.18 14.83
N SER C 21 -14.17 -10.31 15.34
CA SER C 21 -15.41 -10.76 15.96
C SER C 21 -16.34 -11.38 14.91
N ARG C 22 -17.45 -11.93 15.40
CA ARG C 22 -18.40 -12.59 14.50
C ARG C 22 -18.98 -11.61 13.48
N ARG C 23 -19.08 -10.34 13.84
CA ARG C 23 -19.62 -9.34 12.92
C ARG C 23 -18.65 -9.07 11.77
N GLU C 24 -17.35 -9.04 12.06
CA GLU C 24 -16.36 -8.75 11.02
C GLU C 24 -16.26 -9.87 10.00
N LEU C 25 -16.45 -11.13 10.41
CA LEU C 25 -16.40 -12.23 9.45
C LEU C 25 -17.59 -12.21 8.50
N CYS C 26 -18.70 -11.60 8.91
CA CYS C 26 -19.85 -11.48 8.02
C CYS C 26 -19.51 -10.64 6.79
N GLU C 27 -18.90 -9.48 7.01
CA GLU C 27 -18.48 -8.64 5.90
C GLU C 27 -17.29 -9.21 5.14
N CYS C 28 -16.50 -10.09 5.78
CA CYS C 28 -15.33 -10.63 5.13
C CYS C 28 -15.66 -11.52 3.95
N MET C 29 -16.89 -12.06 3.89
CA MET C 29 -17.25 -12.93 2.77
C MET C 29 -17.48 -12.15 1.48
N ARG C 30 -17.92 -10.90 1.57
CA ARG C 30 -18.19 -10.10 0.39
C ARG C 30 -16.94 -9.50 -0.22
N VAL C 31 -15.76 -9.78 0.34
CA VAL C 31 -14.53 -9.22 -0.22
C VAL C 31 -14.09 -10.00 -1.46
N CYS C 32 -13.84 -11.29 -1.30
CA CYS C 32 -13.38 -12.13 -2.41
C CYS C 32 -13.99 -13.51 -2.30
N LYS C 33 -13.93 -14.25 -3.41
CA LYS C 33 -14.45 -15.62 -3.42
C LYS C 33 -13.54 -16.55 -2.64
N THR C 34 -12.22 -16.38 -2.79
CA THR C 34 -11.27 -17.17 -2.00
C THR C 34 -11.48 -16.95 -0.52
N TRP C 35 -11.85 -15.73 -0.11
CA TRP C 35 -12.20 -15.46 1.27
C TRP C 35 -13.58 -16.02 1.61
N TYR C 36 -14.51 -15.99 0.65
CA TYR C 36 -15.84 -16.53 0.89
C TYR C 36 -15.79 -18.04 1.13
N LYS C 37 -14.89 -18.73 0.44
CA LYS C 37 -14.72 -20.17 0.65
C LYS C 37 -14.01 -20.47 1.96
N TRP C 38 -13.28 -19.50 2.52
CA TRP C 38 -12.51 -19.71 3.74
C TRP C 38 -13.32 -19.50 5.00
N CYS C 39 -14.18 -18.47 5.02
CA CYS C 39 -15.02 -18.21 6.19
C CYS C 39 -16.07 -19.28 6.41
N CYS C 40 -16.43 -20.04 5.37
CA CYS C 40 -17.42 -21.10 5.48
C CYS C 40 -16.80 -22.45 5.80
N ASP C 41 -15.58 -22.47 6.32
CA ASP C 41 -14.91 -23.72 6.68
C ASP C 41 -14.45 -23.66 8.13
N MET D 4 -19.78 42.20 -27.12
CA MET D 4 -19.54 42.53 -25.73
C MET D 4 -18.18 42.01 -25.27
N GLN D 5 -17.82 42.29 -24.02
CA GLN D 5 -16.56 41.88 -23.45
C GLN D 5 -16.81 41.12 -22.16
N ILE D 6 -16.20 39.94 -22.03
CA ILE D 6 -16.35 39.11 -20.84
C ILE D 6 -14.97 38.72 -20.36
N PHE D 7 -14.84 38.59 -19.04
CA PHE D 7 -13.63 38.11 -18.39
C PHE D 7 -13.87 36.72 -17.82
N VAL D 8 -12.81 35.93 -17.77
CA VAL D 8 -12.87 34.57 -17.25
C VAL D 8 -11.71 34.41 -16.25
N LYS D 9 -12.00 34.61 -14.97
CA LYS D 9 -10.97 34.48 -13.94
C LYS D 9 -10.49 33.04 -13.82
N THR D 10 -9.23 32.91 -13.42
CA THR D 10 -8.61 31.62 -13.18
C THR D 10 -8.33 31.48 -11.69
N PHE D 11 -7.79 30.32 -11.31
CA PHE D 11 -7.42 30.03 -9.94
C PHE D 11 -5.93 29.73 -9.84
N ARG D 12 -5.41 29.81 -8.62
CA ARG D 12 -3.99 29.54 -8.38
C ARG D 12 -3.70 28.07 -8.65
N ASP D 13 -2.99 27.81 -9.74
CA ASP D 13 -2.52 26.47 -10.07
C ASP D 13 -1.06 26.32 -9.64
N ARG D 14 -0.77 25.21 -8.96
CA ARG D 14 0.56 24.94 -8.46
C ARG D 14 1.31 23.85 -9.22
N LEU D 15 0.59 22.87 -9.76
CA LEU D 15 1.21 21.84 -10.57
C LEU D 15 1.74 22.40 -11.89
N ARG D 16 0.97 23.28 -12.55
CA ARG D 16 1.41 23.93 -13.78
C ARG D 16 2.03 25.30 -13.54
N ASN D 17 2.16 25.72 -12.28
CA ASN D 17 2.69 27.04 -11.93
C ASN D 17 2.00 28.15 -12.73
N LEU D 18 0.71 28.30 -12.47
CA LEU D 18 -0.11 29.34 -13.08
C LEU D 18 -0.61 30.25 -11.97
N LEU D 19 -0.29 31.54 -12.06
CA LEU D 19 -0.78 32.50 -11.09
C LEU D 19 -2.25 32.79 -11.34
N PRO D 20 -3.01 33.10 -10.30
CA PRO D 20 -4.43 33.42 -10.51
C PRO D 20 -4.59 34.68 -11.34
N GLN D 21 -5.10 34.53 -12.56
CA GLN D 21 -5.25 35.64 -13.48
C GLN D 21 -6.69 35.70 -13.97
N THR D 22 -6.96 36.70 -14.81
CA THR D 22 -8.29 36.91 -15.37
C THR D 22 -8.12 37.09 -16.87
N ILE D 23 -8.52 36.08 -17.65
CA ILE D 23 -8.40 36.14 -19.09
C ILE D 23 -9.50 37.04 -19.65
N THR D 24 -9.14 37.90 -20.59
CA THR D 24 -10.07 38.86 -21.18
C THR D 24 -10.52 38.37 -22.54
N LEU D 25 -11.83 38.35 -22.76
CA LEU D 25 -12.41 37.87 -24.00
C LEU D 25 -13.27 38.96 -24.63
N GLU D 26 -13.27 38.98 -25.96
CA GLU D 26 -14.13 39.86 -26.76
C GLU D 26 -15.05 38.95 -27.57
N VAL D 27 -16.28 38.75 -27.08
CA VAL D 27 -17.15 37.73 -27.65
C VAL D 27 -18.47 38.34 -28.11
N GLU D 28 -19.37 37.49 -28.60
CA GLU D 28 -20.69 37.84 -29.06
C GLU D 28 -21.70 36.91 -28.39
N PRO D 29 -22.88 37.41 -28.03
CA PRO D 29 -23.85 36.55 -27.33
C PRO D 29 -24.23 35.29 -28.10
N SER D 30 -23.96 35.21 -29.40
CA SER D 30 -24.24 34.02 -30.18
C SER D 30 -23.12 32.98 -30.09
N ASP D 31 -21.98 33.31 -29.49
CA ASP D 31 -20.90 32.35 -29.36
C ASP D 31 -21.29 31.24 -28.39
N THR D 32 -21.09 29.99 -28.81
CA THR D 32 -21.37 28.87 -27.94
C THR D 32 -20.32 28.79 -26.83
N ILE D 33 -20.67 28.06 -25.76
CA ILE D 33 -19.70 27.81 -24.69
C ILE D 33 -18.53 27.01 -25.24
N GLU D 34 -18.80 26.07 -26.15
CA GLU D 34 -17.72 25.33 -26.79
C GLU D 34 -16.83 26.27 -27.59
N ASN D 35 -17.40 27.31 -28.19
CA ASN D 35 -16.60 28.31 -28.88
C ASN D 35 -15.78 29.12 -27.89
N VAL D 36 -16.42 29.69 -26.87
CA VAL D 36 -15.70 30.47 -25.88
C VAL D 36 -14.76 29.58 -25.05
N LYS D 37 -15.01 28.27 -25.00
CA LYS D 37 -14.01 27.37 -24.43
C LYS D 37 -12.83 27.22 -25.38
N ALA D 38 -13.11 27.14 -26.69
CA ALA D 38 -12.04 27.10 -27.68
C ALA D 38 -11.40 28.47 -27.85
N LYS D 39 -12.16 29.55 -27.62
CA LYS D 39 -11.59 30.89 -27.60
C LYS D 39 -10.62 31.08 -26.45
N ILE D 40 -10.65 30.20 -25.46
CA ILE D 40 -9.62 30.18 -24.43
C ILE D 40 -8.40 29.37 -24.87
N GLN D 41 -8.58 28.42 -25.79
CA GLN D 41 -7.45 27.59 -26.23
C GLN D 41 -6.37 28.41 -26.90
N ASP D 42 -6.76 29.33 -27.79
CA ASP D 42 -5.74 30.09 -28.53
C ASP D 42 -5.01 31.06 -27.61
N LYS D 43 -5.72 31.64 -26.64
CA LYS D 43 -5.11 32.63 -25.76
C LYS D 43 -4.37 32.01 -24.59
N GLU D 44 -4.71 30.78 -24.20
CA GLU D 44 -4.05 30.11 -23.08
C GLU D 44 -3.32 28.85 -23.50
N GLY D 45 -3.99 27.93 -24.20
CA GLY D 45 -3.39 26.68 -24.59
C GLY D 45 -4.06 25.47 -24.01
N ILE D 46 -5.22 25.67 -23.39
CA ILE D 46 -6.01 24.59 -22.81
C ILE D 46 -7.03 24.12 -23.85
N PRO D 47 -7.13 22.82 -24.12
CA PRO D 47 -8.07 22.33 -25.14
C PRO D 47 -9.50 22.67 -24.77
N PRO D 48 -10.41 22.67 -25.75
CA PRO D 48 -11.83 22.90 -25.40
C PRO D 48 -12.37 21.86 -24.44
N ASP D 49 -11.87 20.63 -24.50
CA ASP D 49 -12.16 19.64 -23.48
C ASP D 49 -11.39 20.00 -22.21
N GLN D 50 -11.66 19.25 -21.14
CA GLN D 50 -10.96 19.44 -19.87
C GLN D 50 -11.10 20.86 -19.34
N GLN D 51 -12.16 21.56 -19.73
CA GLN D 51 -12.45 22.91 -19.26
C GLN D 51 -13.86 22.96 -18.73
N VAL D 52 -14.07 23.80 -17.72
CA VAL D 52 -15.39 24.01 -17.14
C VAL D 52 -15.52 25.49 -16.81
N LEU D 53 -16.52 26.15 -17.40
CA LEU D 53 -16.84 27.53 -17.07
C LEU D 53 -18.04 27.52 -16.15
N ILE D 54 -18.02 28.37 -15.13
CA ILE D 54 -19.13 28.45 -14.19
C ILE D 54 -19.42 29.92 -13.88
N PHE D 55 -20.54 30.41 -14.39
CA PHE D 55 -20.99 31.78 -14.13
C PHE D 55 -21.93 31.76 -12.93
N SER D 56 -21.59 32.50 -11.88
CA SER D 56 -22.43 32.63 -10.70
C SER D 56 -22.83 31.27 -10.15
N ARG D 57 -21.83 30.43 -9.90
CA ARG D 57 -21.92 29.12 -9.25
C ARG D 57 -22.59 28.05 -10.10
N LYS D 58 -22.95 28.34 -11.36
CA LYS D 58 -23.65 27.40 -12.21
C LYS D 58 -22.73 26.93 -13.32
N ARG D 59 -22.54 25.62 -13.43
CA ARG D 59 -21.71 25.05 -14.49
C ARG D 59 -22.37 25.29 -15.85
N LEU D 60 -21.59 25.80 -16.81
CA LEU D 60 -22.09 26.15 -18.11
C LEU D 60 -22.07 24.94 -19.05
N GLU D 61 -23.23 24.59 -19.59
CA GLU D 61 -23.30 23.51 -20.56
C GLU D 61 -22.73 23.96 -21.90
N ASP D 62 -22.11 23.02 -22.61
CA ASP D 62 -21.41 23.33 -23.84
C ASP D 62 -22.34 23.53 -25.03
N GLY D 63 -23.65 23.47 -24.83
CA GLY D 63 -24.59 23.55 -25.94
C GLY D 63 -25.51 24.75 -25.87
N ARG D 64 -25.13 25.76 -25.09
CA ARG D 64 -25.92 26.97 -24.95
C ARG D 64 -25.04 28.18 -25.25
N THR D 65 -25.65 29.21 -25.82
CA THR D 65 -24.93 30.42 -26.16
C THR D 65 -24.73 31.29 -24.92
N LEU D 66 -23.91 32.33 -25.10
CA LEU D 66 -23.69 33.30 -24.03
C LEU D 66 -24.95 34.10 -23.72
N SER D 67 -25.88 34.20 -24.66
CA SER D 67 -27.13 34.90 -24.39
C SER D 67 -27.91 34.23 -23.27
N ASP D 68 -27.73 32.92 -23.11
CA ASP D 68 -28.34 32.22 -22.00
C ASP D 68 -27.66 32.64 -20.69
N TYR D 69 -28.25 32.19 -19.57
CA TYR D 69 -27.74 32.46 -18.23
C TYR D 69 -27.74 33.95 -17.90
N ASN D 70 -28.25 34.77 -18.82
CA ASN D 70 -28.23 36.23 -18.69
C ASN D 70 -26.80 36.72 -18.45
N ILE D 71 -25.91 36.38 -19.37
CA ILE D 71 -24.51 36.77 -19.29
C ILE D 71 -24.35 38.09 -20.05
N GLN D 72 -24.20 39.19 -19.32
CA GLN D 72 -24.08 40.51 -19.90
C GLN D 72 -22.61 40.89 -20.04
N LYS D 73 -22.37 42.14 -20.45
CA LYS D 73 -21.02 42.63 -20.64
C LYS D 73 -20.31 42.80 -19.31
N GLU D 74 -18.99 42.66 -19.34
CA GLU D 74 -18.10 42.83 -18.18
C GLU D 74 -18.37 41.79 -17.09
N SER D 75 -19.03 40.68 -17.42
CA SER D 75 -19.29 39.63 -16.45
C SER D 75 -18.15 38.63 -16.45
N THR D 76 -17.81 38.15 -15.26
CA THR D 76 -16.68 37.24 -15.07
C THR D 76 -17.17 35.82 -14.87
N LEU D 77 -16.58 34.88 -15.60
CA LEU D 77 -16.94 33.46 -15.53
C LEU D 77 -15.69 32.68 -15.14
N ARG D 78 -15.65 32.21 -13.90
CA ARG D 78 -14.49 31.46 -13.42
C ARG D 78 -14.35 30.13 -14.16
N LEU D 79 -13.15 29.88 -14.70
CA LEU D 79 -12.86 28.66 -15.43
C LEU D 79 -12.22 27.63 -14.51
N VAL D 80 -12.57 26.37 -14.72
CA VAL D 80 -12.05 25.25 -13.94
C VAL D 80 -11.59 24.17 -14.91
N LEU D 81 -10.40 23.64 -14.69
CA LEU D 81 -9.86 22.55 -15.50
C LEU D 81 -10.26 21.20 -14.91
N VAL D 82 -10.49 20.24 -15.81
CA VAL D 82 -10.89 18.88 -15.40
C VAL D 82 -10.00 17.87 -16.08
N PHE D 83 -8.75 18.24 -16.35
CA PHE D 83 -7.81 17.35 -17.00
C PHE D 83 -7.10 16.47 -15.98
N GLU E 5 -5.09 10.84 -17.52
CA GLU E 5 -4.51 11.02 -18.85
C GLU E 5 -2.99 11.15 -18.77
N SER E 6 -2.42 11.95 -19.67
CA SER E 6 -1.01 12.25 -19.67
C SER E 6 -0.71 13.73 -19.55
N TRP E 7 -1.57 14.60 -20.07
CA TRP E 7 -1.41 16.04 -19.88
C TRP E 7 -1.56 16.44 -18.41
N MET E 8 -2.27 15.64 -17.62
CA MET E 8 -2.35 15.86 -16.18
C MET E 8 -1.41 14.94 -15.41
N GLN E 9 -0.92 13.86 -16.02
CA GLN E 9 -0.05 12.94 -15.31
C GLN E 9 1.40 13.41 -15.31
N ARG E 10 1.73 14.37 -16.17
CA ARG E 10 3.10 14.88 -16.23
C ARG E 10 3.40 15.77 -15.04
N GLU E 11 2.56 16.78 -14.82
CA GLU E 11 2.84 17.78 -13.81
C GLU E 11 2.79 17.22 -12.39
N VAL E 12 2.01 16.17 -12.17
CA VAL E 12 1.92 15.59 -10.83
C VAL E 12 3.21 14.85 -10.48
N TRP E 13 3.75 14.08 -11.42
CA TRP E 13 4.98 13.34 -11.13
C TRP E 13 6.17 14.26 -11.04
N MET E 14 6.20 15.32 -11.87
CA MET E 14 7.27 16.31 -11.74
C MET E 14 7.20 17.04 -10.40
N SER E 15 6.00 17.16 -9.82
CA SER E 15 5.86 17.82 -8.54
C SER E 15 6.35 16.93 -7.40
N VAL E 16 6.06 15.63 -7.47
CA VAL E 16 6.62 14.71 -6.48
C VAL E 16 8.09 14.44 -6.74
N PHE E 17 8.58 14.76 -7.93
CA PHE E 17 10.01 14.60 -8.23
C PHE E 17 10.85 15.66 -7.54
N ARG E 18 10.26 16.81 -7.20
CA ARG E 18 11.01 17.86 -6.53
C ARG E 18 11.48 17.43 -5.15
N TYR E 19 10.69 16.62 -4.45
CA TYR E 19 11.06 16.18 -3.11
C TYR E 19 12.11 15.08 -3.15
N LEU E 20 12.10 14.22 -4.16
CA LEU E 20 13.15 13.22 -4.30
C LEU E 20 14.47 13.92 -4.65
N SER E 21 15.54 13.51 -3.98
CA SER E 21 16.84 14.13 -4.21
C SER E 21 17.39 13.76 -5.58
N ARG E 22 18.49 14.42 -5.95
CA ARG E 22 19.12 14.16 -7.25
C ARG E 22 19.68 12.75 -7.32
N ARG E 23 20.14 12.19 -6.20
CA ARG E 23 20.68 10.84 -6.22
C ARG E 23 19.57 9.81 -6.43
N GLU E 24 18.43 10.00 -5.76
CA GLU E 24 17.32 9.07 -5.94
C GLU E 24 16.72 9.18 -7.33
N LEU E 25 16.73 10.39 -7.90
CA LEU E 25 16.23 10.58 -9.26
C LEU E 25 17.13 9.95 -10.31
N CYS E 26 18.41 9.72 -9.98
CA CYS E 26 19.32 9.09 -10.94
C CYS E 26 18.84 7.69 -11.29
N GLU E 27 18.53 6.87 -10.27
CA GLU E 27 17.96 5.56 -10.52
C GLU E 27 16.52 5.65 -11.02
N CYS E 28 15.83 6.75 -10.72
CA CYS E 28 14.44 6.92 -11.13
C CYS E 28 14.28 7.03 -12.63
N MET E 29 15.34 7.42 -13.35
CA MET E 29 15.25 7.53 -14.81
C MET E 29 15.22 6.16 -15.46
N ARG E 30 15.85 5.16 -14.83
CA ARG E 30 15.92 3.80 -15.36
C ARG E 30 14.64 3.02 -15.13
N VAL E 31 13.61 3.63 -14.57
CA VAL E 31 12.36 2.92 -14.31
C VAL E 31 11.58 2.74 -15.60
N CYS E 32 11.25 3.84 -16.27
CA CYS E 32 10.48 3.79 -17.51
C CYS E 32 11.04 4.82 -18.49
N LYS E 33 10.68 4.65 -19.76
CA LYS E 33 11.15 5.58 -20.78
C LYS E 33 10.43 6.93 -20.68
N THR E 34 9.12 6.89 -20.41
CA THR E 34 8.38 8.13 -20.22
C THR E 34 8.92 8.93 -19.05
N TRP E 35 9.45 8.25 -18.03
CA TRP E 35 10.08 8.96 -16.92
C TRP E 35 11.43 9.54 -17.31
N TYR E 36 12.17 8.85 -18.18
CA TYR E 36 13.45 9.39 -18.63
C TYR E 36 13.26 10.68 -19.43
N LYS E 37 12.19 10.75 -20.22
CA LYS E 37 11.92 11.98 -20.97
C LYS E 37 11.41 13.10 -20.08
N TRP E 38 10.87 12.78 -18.91
CA TRP E 38 10.34 13.79 -18.00
C TRP E 38 11.42 14.35 -17.08
N CYS E 39 12.30 13.50 -16.58
CA CYS E 39 13.38 14.00 -15.73
C CYS E 39 14.36 14.85 -16.52
N CYS E 40 14.46 14.63 -17.83
CA CYS E 40 15.32 15.41 -18.70
C CYS E 40 14.58 16.55 -19.38
N ASP E 41 13.42 16.95 -18.86
CA ASP E 41 12.62 18.03 -19.45
C ASP E 41 12.32 19.08 -18.37
N LYS E 42 13.17 20.11 -18.31
CA LYS E 42 12.93 21.31 -17.51
C LYS E 42 12.71 20.96 -16.04
N ARG E 43 13.77 20.44 -15.43
CA ARG E 43 13.77 20.10 -14.01
C ARG E 43 15.08 20.56 -13.40
N LEU E 44 15.02 21.55 -12.52
CA LEU E 44 16.21 22.06 -11.85
C LEU E 44 15.84 22.79 -10.56
N SER F 2 15.02 -54.81 1.59
CA SER F 2 15.23 -53.59 0.81
C SER F 2 14.35 -52.46 1.32
N GLY F 3 14.21 -52.37 2.66
CA GLY F 3 13.39 -51.34 3.26
C GLY F 3 13.71 -51.11 4.72
N MET F 4 13.90 -49.85 5.10
CA MET F 4 14.27 -49.47 6.45
C MET F 4 13.13 -48.70 7.11
N GLN F 5 13.33 -48.32 8.36
CA GLN F 5 12.33 -47.58 9.13
C GLN F 5 12.95 -46.29 9.64
N ILE F 6 12.27 -45.18 9.39
CA ILE F 6 12.72 -43.86 9.81
C ILE F 6 11.57 -43.13 10.47
N PHE F 7 11.87 -42.36 11.51
CA PHE F 7 10.91 -41.46 12.14
C PHE F 7 11.31 -40.03 11.84
N VAL F 8 10.32 -39.15 11.73
CA VAL F 8 10.54 -37.74 11.43
C VAL F 8 9.69 -36.93 12.40
N LYS F 9 10.28 -36.49 13.50
CA LYS F 9 9.55 -35.67 14.45
C LYS F 9 9.22 -34.32 13.82
N THR F 10 8.12 -33.73 14.27
CA THR F 10 7.68 -32.44 13.77
C THR F 10 7.85 -31.38 14.85
N PHE F 11 7.50 -30.14 14.49
CA PHE F 11 7.55 -29.02 15.41
C PHE F 11 6.14 -28.46 15.57
N ARG F 12 5.94 -27.70 16.65
CA ARG F 12 4.63 -27.10 16.90
C ARG F 12 4.37 -26.02 15.86
N ASP F 13 3.42 -26.28 14.97
CA ASP F 13 2.95 -25.29 14.00
C ASP F 13 1.69 -24.65 14.58
N ARG F 14 1.61 -23.33 14.50
CA ARG F 14 0.48 -22.60 15.06
C ARG F 14 -0.49 -22.06 14.02
N LEU F 15 -0.03 -21.71 12.82
CA LEU F 15 -0.98 -21.35 11.77
C LEU F 15 -1.80 -22.58 11.38
N ARG F 16 -1.14 -23.72 11.24
CA ARG F 16 -1.80 -25.01 11.08
C ARG F 16 -1.82 -25.68 12.45
N ASN F 17 -3.01 -25.94 12.97
CA ASN F 17 -3.15 -26.46 14.34
C ASN F 17 -2.67 -27.91 14.42
N LEU F 18 -1.36 -28.11 14.29
CA LEU F 18 -0.75 -29.43 14.36
C LEU F 18 0.18 -29.49 15.56
N LEU F 19 -0.09 -30.43 16.46
CA LEU F 19 0.77 -30.64 17.62
C LEU F 19 2.06 -31.36 17.19
N PRO F 20 3.17 -31.12 17.89
CA PRO F 20 4.42 -31.79 17.52
C PRO F 20 4.37 -33.30 17.69
N GLN F 21 4.42 -34.01 16.56
CA GLN F 21 4.36 -35.47 16.51
C GLN F 21 5.55 -35.99 15.72
N THR F 22 5.66 -37.31 15.61
CA THR F 22 6.75 -37.95 14.88
C THR F 22 6.16 -38.99 13.92
N ILE F 23 6.19 -38.68 12.63
CA ILE F 23 5.68 -39.59 11.61
C ILE F 23 6.69 -40.69 11.35
N THR F 24 6.19 -41.92 11.19
CA THR F 24 7.03 -43.08 10.96
C THR F 24 7.00 -43.44 9.48
N LEU F 25 8.18 -43.65 8.90
CA LEU F 25 8.32 -43.91 7.48
C LEU F 25 9.01 -45.24 7.23
N GLU F 26 8.63 -45.88 6.12
CA GLU F 26 9.26 -47.12 5.65
C GLU F 26 9.92 -46.79 4.32
N VAL F 27 11.23 -46.52 4.36
CA VAL F 27 11.97 -46.00 3.21
C VAL F 27 13.20 -46.88 2.98
N GLU F 28 14.01 -46.48 2.00
CA GLU F 28 15.24 -47.16 1.63
C GLU F 28 16.38 -46.15 1.55
N PRO F 29 17.59 -46.53 1.96
CA PRO F 29 18.72 -45.58 1.92
C PRO F 29 19.01 -45.01 0.55
N SER F 30 18.52 -45.63 -0.52
CA SER F 30 18.71 -45.08 -1.86
C SER F 30 17.66 -44.05 -2.22
N ASP F 31 16.62 -43.89 -1.40
CA ASP F 31 15.59 -42.89 -1.65
C ASP F 31 16.15 -41.48 -1.45
N THR F 32 15.85 -40.61 -2.40
CA THR F 32 16.25 -39.21 -2.27
C THR F 32 15.46 -38.54 -1.15
N ILE F 33 15.96 -37.38 -0.70
CA ILE F 33 15.22 -36.59 0.27
C ILE F 33 13.89 -36.15 -0.33
N GLU F 34 13.86 -35.86 -1.63
CA GLU F 34 12.62 -35.52 -2.31
C GLU F 34 11.64 -36.69 -2.30
N ASN F 35 12.14 -37.92 -2.38
CA ASN F 35 11.24 -39.07 -2.30
C ASN F 35 10.62 -39.19 -0.93
N VAL F 36 11.44 -39.21 0.13
CA VAL F 36 10.92 -39.34 1.48
C VAL F 36 10.08 -38.14 1.88
N LYS F 37 10.24 -37.01 1.18
CA LYS F 37 9.29 -35.91 1.36
C LYS F 37 7.94 -36.25 0.74
N ALA F 38 7.95 -36.93 -0.41
CA ALA F 38 6.70 -37.38 -1.01
C ALA F 38 6.10 -38.54 -0.25
N LYS F 39 6.93 -39.37 0.38
CA LYS F 39 6.40 -40.42 1.26
C LYS F 39 5.71 -39.83 2.49
N ILE F 40 5.99 -38.56 2.81
CA ILE F 40 5.21 -37.88 3.83
C ILE F 40 3.94 -37.31 3.23
N GLN F 41 3.96 -37.00 1.94
CA GLN F 41 2.80 -36.46 1.26
C GLN F 41 1.67 -37.49 1.21
N ASP F 42 2.02 -38.77 1.04
CA ASP F 42 1.00 -39.80 0.87
C ASP F 42 0.17 -39.99 2.14
N LYS F 43 0.79 -39.88 3.32
CA LYS F 43 0.07 -40.12 4.56
C LYS F 43 -0.66 -38.89 5.08
N GLU F 44 -0.21 -37.69 4.72
CA GLU F 44 -0.86 -36.47 5.17
C GLU F 44 -1.42 -35.62 4.03
N GLY F 45 -0.59 -35.31 3.02
CA GLY F 45 -1.06 -34.49 1.92
C GLY F 45 -0.35 -33.17 1.73
N ILE F 46 0.78 -32.96 2.39
CA ILE F 46 1.54 -31.73 2.23
C ILE F 46 2.59 -31.93 1.14
N PRO F 47 2.64 -31.06 0.14
CA PRO F 47 3.62 -31.25 -0.94
C PRO F 47 5.04 -31.17 -0.43
N PRO F 48 5.98 -31.80 -1.14
CA PRO F 48 7.39 -31.70 -0.75
C PRO F 48 7.93 -30.28 -0.81
N ASP F 49 7.37 -29.42 -1.66
CA ASP F 49 7.79 -28.02 -1.69
C ASP F 49 7.37 -27.24 -0.45
N GLN F 50 6.63 -27.86 0.47
CA GLN F 50 6.25 -27.24 1.73
C GLN F 50 6.84 -28.01 2.91
N GLN F 51 7.95 -28.72 2.68
CA GLN F 51 8.61 -29.52 3.69
C GLN F 51 10.09 -29.18 3.73
N VAL F 52 10.69 -29.33 4.91
CA VAL F 52 12.12 -29.12 5.11
C VAL F 52 12.63 -30.19 6.06
N LEU F 53 13.60 -30.99 5.60
CA LEU F 53 14.23 -31.99 6.44
C LEU F 53 15.59 -31.52 6.90
N ILE F 54 15.88 -31.76 8.18
CA ILE F 54 17.15 -31.43 8.82
C ILE F 54 17.51 -32.58 9.75
N PHE F 55 18.64 -33.25 9.49
CA PHE F 55 18.99 -34.41 10.30
C PHE F 55 19.65 -34.00 11.61
N SER F 56 20.80 -33.34 11.54
CA SER F 56 21.46 -32.85 12.75
C SER F 56 21.44 -31.33 12.81
N ARG F 57 22.08 -30.65 11.86
CA ARG F 57 21.96 -29.22 11.75
C ARG F 57 21.97 -28.75 10.30
N LYS F 58 22.00 -29.67 9.34
CA LYS F 58 22.17 -29.34 7.92
C LYS F 58 20.86 -29.58 7.17
N ARG F 59 20.42 -28.56 6.42
CA ARG F 59 19.24 -28.71 5.60
C ARG F 59 19.49 -29.75 4.53
N LEU F 60 18.54 -30.67 4.36
CA LEU F 60 18.71 -31.79 3.46
C LEU F 60 18.34 -31.33 2.04
N GLU F 61 19.30 -31.45 1.13
CA GLU F 61 19.05 -31.07 -0.26
C GLU F 61 18.12 -32.08 -0.93
N ASP F 62 17.28 -31.58 -1.83
CA ASP F 62 16.22 -32.38 -2.43
C ASP F 62 16.72 -33.34 -3.51
N GLY F 63 18.01 -33.38 -3.79
CA GLY F 63 18.50 -34.22 -4.87
C GLY F 63 19.50 -35.27 -4.45
N ARG F 64 19.56 -35.58 -3.16
CA ARG F 64 20.51 -36.55 -2.64
C ARG F 64 19.80 -37.61 -1.80
N THR F 65 20.35 -38.82 -1.82
CA THR F 65 19.80 -39.94 -1.09
C THR F 65 20.15 -39.83 0.40
N LEU F 66 19.54 -40.70 1.20
CA LEU F 66 19.83 -40.74 2.63
C LEU F 66 21.24 -41.21 2.92
N SER F 67 21.85 -41.99 2.01
CA SER F 67 23.22 -42.44 2.20
C SER F 67 24.22 -41.30 2.20
N ASP F 68 23.91 -40.19 1.50
CA ASP F 68 24.83 -39.06 1.47
C ASP F 68 24.95 -38.40 2.84
N TYR F 69 23.84 -38.26 3.55
CA TYR F 69 23.83 -37.67 4.88
C TYR F 69 24.05 -38.70 5.98
N ASN F 70 24.33 -39.95 5.62
CA ASN F 70 24.49 -41.05 6.56
C ASN F 70 23.27 -41.18 7.47
N ILE F 71 22.12 -41.38 6.83
CA ILE F 71 20.86 -41.57 7.53
C ILE F 71 20.63 -43.07 7.70
N GLN F 72 20.82 -43.56 8.91
CA GLN F 72 20.67 -44.98 9.20
C GLN F 72 19.27 -45.25 9.77
N LYS F 73 19.04 -46.50 10.17
CA LYS F 73 17.76 -46.89 10.72
C LYS F 73 17.52 -46.25 12.08
N GLU F 74 16.25 -46.05 12.41
CA GLU F 74 15.82 -45.49 13.68
C GLU F 74 16.31 -44.06 13.90
N SER F 75 16.71 -43.37 12.84
CA SER F 75 17.17 -41.99 12.94
C SER F 75 16.00 -41.03 12.80
N THR F 76 16.03 -39.97 13.60
CA THR F 76 14.95 -39.00 13.64
C THR F 76 15.35 -37.73 12.89
N LEU F 77 14.47 -37.26 11.99
CA LEU F 77 14.72 -36.07 11.18
C LEU F 77 13.59 -35.08 11.42
N ARG F 78 13.88 -34.00 12.15
CA ARG F 78 12.85 -32.99 12.39
C ARG F 78 12.46 -32.33 11.07
N LEU F 79 11.18 -32.41 10.72
CA LEU F 79 10.68 -31.78 9.50
C LEU F 79 10.02 -30.45 9.86
N VAL F 80 10.16 -29.48 8.96
CA VAL F 80 9.63 -28.13 9.15
C VAL F 80 8.82 -27.76 7.90
N LEU F 81 7.62 -27.23 8.11
CA LEU F 81 6.78 -26.80 7.00
C LEU F 81 7.11 -25.36 6.63
N VAL F 82 7.07 -25.08 5.33
CA VAL F 82 7.33 -23.74 4.80
C VAL F 82 6.25 -23.42 3.78
N PHE F 83 5.76 -22.19 3.81
CA PHE F 83 4.72 -21.77 2.87
C PHE F 83 5.33 -21.23 1.58
#